data_3LFM
#
_entry.id   3LFM
#
_cell.length_a   142.860
_cell.length_b   142.860
_cell.length_c   83.800
_cell.angle_alpha   90.00
_cell.angle_beta   90.00
_cell.angle_gamma   120.00
#
_symmetry.space_group_name_H-M   'H 3'
#
loop_
_entity.id
_entity.type
_entity.pdbx_description
1 polymer 'Protein fto'
2 non-polymer 3-methylthymidine
3 non-polymer N-OXALYLGLYCINE
4 non-polymer 'FE (II) ION'
#
_entity_poly.entity_id   1
_entity_poly.type   'polypeptide(L)'
_entity_poly.pdbx_seq_one_letter_code
;MGSSHHHHHHSSGLVPRGSHMTPKDDEFYQQWQLKYPKLILREASSVSEELHKEVQEAFLTLHKHGCLFRDLVRIQGKDL
LTPVSRILIGNPGCTYKYLNTRLFTVPWPVKGSNIKHTEAEIAAACETFLKLNDYLQIETIQALEELAAKEKANEDAVPL
CMSADFPRVGMGSSYNGQDEVDIKSRAAYNVTLLNFMDPQKMPYLKEEPYFGMGKMAVSWHHDENLVDRSAVAVYSYSCE
GPEEESEDDSHLEGRDPDIWHVGFKISWDIETPGLAIPLHQGDCYFMLDDLNATHQHCVLAGSQPRFSSTHRVAECSTGT
LDYILQRCQLALQNVCDDVDNDDVSLKSFEPAVLKQGEEIHNEVEFEWLRQFWFQGNRYRKCTDWWCQPMAQLEALWKKM
EGVTNAVLHEVKREGLPVEQRNEILTAILASLTARQNLRREWHARCQSRIARTLPADQKPECRPYWEKDDASMPLPFDLT
DIVSELRGQLLEAKP
;
_entity_poly.pdbx_strand_id   A
#
# COMPACT_ATOMS: atom_id res chain seq x y z
N PRO A 16 -9.59 -8.74 -34.22
CA PRO A 16 -8.30 -9.36 -34.48
C PRO A 16 -7.30 -8.40 -35.14
N ARG A 17 -7.69 -7.15 -35.15
CA ARG A 17 -6.85 -6.05 -35.63
C ARG A 17 -6.90 -5.58 -34.20
N GLY A 18 -6.12 -4.59 -33.81
CA GLY A 18 -6.25 -4.17 -32.44
C GLY A 18 -6.71 -2.75 -32.43
N SER A 19 -7.92 -2.57 -31.93
CA SER A 19 -8.42 -1.24 -31.87
C SER A 19 -8.89 -0.83 -30.51
N HIS A 20 -8.98 0.48 -30.39
CA HIS A 20 -9.42 1.08 -29.19
C HIS A 20 -10.17 2.29 -29.70
N MET A 21 -10.80 3.01 -28.80
CA MET A 21 -11.55 4.17 -29.20
C MET A 21 -11.05 5.38 -28.45
N THR A 22 -11.17 6.54 -29.10
CA THR A 22 -10.75 7.80 -28.53
C THR A 22 -11.82 8.81 -28.97
N PRO A 23 -11.76 10.04 -28.49
CA PRO A 23 -12.78 10.98 -28.94
C PRO A 23 -12.76 11.28 -30.44
N LYS A 24 -11.80 10.68 -31.15
CA LYS A 24 -11.70 10.85 -32.59
C LYS A 24 -12.77 10.03 -33.28
N ASP A 25 -13.33 9.06 -32.58
CA ASP A 25 -14.35 8.19 -33.14
C ASP A 25 -15.77 8.66 -32.83
N ASP A 26 -16.71 8.19 -33.65
CA ASP A 26 -18.12 8.53 -33.52
C ASP A 26 -18.75 7.71 -32.40
N GLU A 27 -18.41 6.43 -32.40
CA GLU A 27 -18.92 5.47 -31.44
C GLU A 27 -18.43 5.71 -30.01
N PHE A 28 -17.31 6.41 -29.88
CA PHE A 28 -16.70 6.70 -28.59
C PHE A 28 -17.65 7.36 -27.59
N TYR A 29 -18.43 8.30 -28.08
CA TYR A 29 -19.34 8.99 -27.20
C TYR A 29 -20.52 8.11 -26.79
N GLN A 30 -20.94 7.21 -27.67
CA GLN A 30 -22.05 6.33 -27.34
C GLN A 30 -21.54 5.16 -26.50
N GLN A 31 -20.26 4.87 -26.61
CA GLN A 31 -19.67 3.79 -25.83
C GLN A 31 -19.56 4.28 -24.40
N TRP A 32 -19.04 5.49 -24.23
CA TRP A 32 -18.87 6.09 -22.91
C TRP A 32 -20.21 6.24 -22.17
N GLN A 33 -21.18 6.86 -22.81
CA GLN A 33 -22.50 7.09 -22.23
C GLN A 33 -23.30 5.82 -21.98
N LEU A 34 -23.20 4.85 -22.88
CA LEU A 34 -23.96 3.62 -22.73
C LEU A 34 -23.23 2.48 -22.03
N LYS A 35 -21.92 2.59 -21.86
CA LYS A 35 -21.17 1.50 -21.22
C LYS A 35 -20.16 1.90 -20.15
N TYR A 36 -20.15 3.18 -19.79
CA TYR A 36 -19.24 3.70 -18.77
C TYR A 36 -19.90 4.84 -18.07
N PRO A 37 -21.22 4.74 -17.83
CA PRO A 37 -21.87 5.85 -17.14
C PRO A 37 -21.24 6.21 -15.79
N LYS A 38 -20.47 5.30 -15.20
CA LYS A 38 -19.83 5.59 -13.91
C LYS A 38 -18.39 6.14 -14.00
N LEU A 39 -17.97 6.51 -15.20
CA LEU A 39 -16.64 7.08 -15.40
C LEU A 39 -16.85 8.57 -15.70
N ILE A 40 -16.43 9.42 -14.78
CA ILE A 40 -16.60 10.85 -14.98
C ILE A 40 -15.27 11.52 -15.27
N LEU A 41 -15.31 12.53 -16.12
CA LEU A 41 -14.11 13.26 -16.48
C LEU A 41 -14.44 14.73 -16.28
N ARG A 42 -13.55 15.45 -15.61
CA ARG A 42 -13.74 16.87 -15.37
C ARG A 42 -12.47 17.56 -15.87
N GLU A 43 -12.59 18.22 -17.01
CA GLU A 43 -11.46 18.88 -17.63
C GLU A 43 -10.86 20.00 -16.80
N ALA A 44 -9.57 20.24 -17.03
CA ALA A 44 -8.83 21.26 -16.30
C ALA A 44 -9.62 22.56 -16.15
N SER A 45 -10.36 22.93 -17.20
CA SER A 45 -11.16 24.14 -17.22
C SER A 45 -12.29 24.18 -16.19
N SER A 46 -12.41 23.14 -15.38
CA SER A 46 -13.45 23.09 -14.37
C SER A 46 -12.84 23.30 -12.99
N VAL A 47 -11.52 23.16 -12.91
CA VAL A 47 -10.83 23.33 -11.65
C VAL A 47 -10.12 24.68 -11.58
N SER A 48 -10.18 25.31 -10.41
CA SER A 48 -9.56 26.61 -10.19
C SER A 48 -8.06 26.64 -10.56
N GLU A 49 -7.61 27.78 -11.09
CA GLU A 49 -6.21 27.95 -11.47
C GLU A 49 -5.44 28.16 -10.18
N GLU A 50 -6.16 28.56 -9.14
CA GLU A 50 -5.59 28.80 -7.82
C GLU A 50 -5.24 27.45 -7.22
N LEU A 51 -6.08 26.46 -7.50
CA LEU A 51 -5.83 25.12 -6.99
C LEU A 51 -4.76 24.48 -7.87
N HIS A 52 -4.95 24.55 -9.18
CA HIS A 52 -4.01 23.97 -10.13
C HIS A 52 -2.55 24.32 -9.86
N LYS A 53 -2.22 25.61 -9.87
CA LYS A 53 -0.85 26.03 -9.65
C LYS A 53 -0.32 25.52 -8.31
N GLU A 54 -1.14 25.62 -7.29
CA GLU A 54 -0.76 25.18 -5.97
C GLU A 54 -0.40 23.69 -5.93
N VAL A 55 -1.26 22.82 -6.47
CA VAL A 55 -0.96 21.40 -6.45
C VAL A 55 0.15 21.04 -7.42
N GLN A 56 0.29 21.80 -8.49
CA GLN A 56 1.36 21.53 -9.45
C GLN A 56 2.70 21.93 -8.82
N GLU A 57 2.64 22.94 -7.96
CA GLU A 57 3.84 23.40 -7.27
C GLU A 57 4.21 22.36 -6.22
N ALA A 58 3.19 21.72 -5.66
CA ALA A 58 3.38 20.71 -4.64
C ALA A 58 4.09 19.49 -5.21
N PHE A 59 3.67 19.04 -6.39
CA PHE A 59 4.30 17.89 -7.01
C PHE A 59 5.78 18.19 -7.26
N LEU A 60 6.07 19.44 -7.57
CA LEU A 60 7.42 19.87 -7.89
C LEU A 60 8.36 19.99 -6.68
N THR A 61 7.88 20.54 -5.57
CA THR A 61 8.73 20.65 -4.39
C THR A 61 9.03 19.25 -3.88
N LEU A 62 7.98 18.44 -3.75
CA LEU A 62 8.09 17.06 -3.28
C LEU A 62 9.05 16.26 -4.13
N HIS A 63 8.98 16.46 -5.44
CA HIS A 63 9.87 15.76 -6.37
C HIS A 63 11.30 16.21 -6.19
N LYS A 64 11.50 17.51 -6.14
CA LYS A 64 12.86 18.06 -5.99
C LYS A 64 13.46 17.59 -4.66
N HIS A 65 12.62 17.54 -3.63
CA HIS A 65 13.03 17.09 -2.29
C HIS A 65 13.32 15.60 -2.29
N GLY A 66 13.03 14.93 -3.40
CA GLY A 66 13.25 13.50 -3.51
C GLY A 66 12.43 12.65 -2.54
N CYS A 67 11.12 12.90 -2.50
CA CYS A 67 10.23 12.17 -1.61
C CYS A 67 9.51 10.99 -2.30
N LEU A 68 9.63 10.93 -3.61
CA LEU A 68 9.01 9.86 -4.38
C LEU A 68 10.02 8.80 -4.79
N PHE A 69 9.76 7.55 -4.43
CA PHE A 69 10.65 6.45 -4.76
C PHE A 69 9.87 5.32 -5.41
N ARG A 70 10.57 4.50 -6.18
CA ARG A 70 9.92 3.37 -6.79
C ARG A 70 10.00 2.25 -5.75
N ASP A 71 9.02 1.36 -5.75
CA ASP A 71 8.98 0.28 -4.78
C ASP A 71 9.58 -1.03 -5.29
N LEU A 72 10.36 -1.68 -4.43
CA LEU A 72 10.97 -2.96 -4.75
C LEU A 72 9.99 -4.03 -4.30
N VAL A 73 8.91 -4.15 -5.06
CA VAL A 73 7.83 -5.09 -4.84
C VAL A 73 8.24 -6.53 -5.14
N ARG A 74 7.44 -7.50 -4.68
CA ARG A 74 7.71 -8.90 -4.91
C ARG A 74 6.42 -9.53 -5.40
N ILE A 75 5.86 -8.96 -6.48
CA ILE A 75 4.62 -9.45 -7.08
C ILE A 75 4.75 -10.83 -7.71
N GLN A 76 3.72 -11.64 -7.49
CA GLN A 76 3.63 -12.99 -8.04
C GLN A 76 4.88 -13.85 -7.90
N GLY A 77 5.55 -13.75 -6.75
CA GLY A 77 6.75 -14.54 -6.52
C GLY A 77 8.05 -13.97 -7.03
N LYS A 78 7.98 -12.89 -7.82
CA LYS A 78 9.19 -12.27 -8.37
C LYS A 78 9.52 -10.90 -7.82
N ASP A 79 10.81 -10.65 -7.62
CA ASP A 79 11.30 -9.36 -7.12
C ASP A 79 11.37 -8.38 -8.29
N LEU A 80 10.62 -7.28 -8.19
CA LEU A 80 10.59 -6.30 -9.27
C LEU A 80 10.55 -4.87 -8.78
N LEU A 81 11.30 -4.00 -9.46
CA LEU A 81 11.29 -2.60 -9.12
C LEU A 81 10.18 -2.00 -9.96
N THR A 82 9.49 -0.99 -9.45
CA THR A 82 8.39 -0.41 -10.22
C THR A 82 8.81 0.80 -11.04
N PRO A 83 8.42 0.84 -12.32
CA PRO A 83 8.72 1.93 -13.24
C PRO A 83 8.32 3.28 -12.71
N VAL A 84 7.18 3.31 -12.03
CA VAL A 84 6.65 4.54 -11.46
C VAL A 84 7.18 4.78 -10.05
N SER A 85 7.39 6.06 -9.72
CA SER A 85 7.86 6.45 -8.39
C SER A 85 6.63 7.00 -7.69
N ARG A 86 6.52 6.74 -6.39
CA ARG A 86 5.35 7.17 -5.64
C ARG A 86 5.56 7.63 -4.21
N ILE A 87 4.49 8.17 -3.61
CA ILE A 87 4.52 8.64 -2.23
C ILE A 87 3.11 8.56 -1.65
N LEU A 88 2.95 7.88 -0.53
CA LEU A 88 1.62 7.81 0.08
C LEU A 88 1.43 8.95 1.07
N ILE A 89 0.41 9.78 0.85
CA ILE A 89 0.14 10.88 1.77
C ILE A 89 -1.30 10.71 2.28
N GLY A 90 -1.53 10.96 3.56
CA GLY A 90 -2.89 10.82 4.06
C GLY A 90 -3.04 10.93 5.57
N ASN A 91 -4.14 10.38 6.08
CA ASN A 91 -4.38 10.43 7.52
C ASN A 91 -3.20 9.88 8.27
N PRO A 92 -2.86 10.51 9.40
CA PRO A 92 -1.74 10.06 10.22
C PRO A 92 -2.09 8.71 10.84
N GLY A 93 -1.15 7.77 10.80
CA GLY A 93 -1.40 6.45 11.36
C GLY A 93 -2.02 5.47 10.40
N CYS A 94 -2.30 5.90 9.18
CA CYS A 94 -2.94 5.04 8.19
C CYS A 94 -1.97 4.43 7.18
N THR A 95 -2.31 3.25 6.67
CA THR A 95 -1.47 2.57 5.69
C THR A 95 -2.29 1.98 4.55
N TYR A 96 -1.62 1.76 3.43
CA TYR A 96 -2.25 1.22 2.24
C TYR A 96 -1.35 0.10 1.67
N LYS A 97 -1.89 -1.11 1.61
CA LYS A 97 -1.19 -2.28 1.10
C LYS A 97 -1.32 -2.26 -0.42
N TYR A 98 -0.19 -2.29 -1.12
CA TYR A 98 -0.23 -2.22 -2.57
C TYR A 98 0.83 -3.12 -3.21
N LEU A 99 0.38 -4.26 -3.74
CA LEU A 99 1.28 -5.24 -4.35
C LEU A 99 2.16 -5.86 -3.26
N ASN A 100 1.49 -6.38 -2.24
CA ASN A 100 2.12 -7.03 -1.10
C ASN A 100 2.99 -6.11 -0.26
N THR A 101 3.13 -4.86 -0.65
CA THR A 101 3.92 -3.93 0.14
C THR A 101 2.98 -2.97 0.85
N ARG A 102 3.30 -2.67 2.09
CA ARG A 102 2.50 -1.78 2.89
C ARG A 102 3.16 -0.41 2.98
N LEU A 103 2.53 0.59 2.38
CA LEU A 103 3.02 1.95 2.39
C LEU A 103 2.43 2.67 3.60
N PHE A 104 3.24 3.53 4.21
CA PHE A 104 2.86 4.28 5.39
C PHE A 104 2.64 5.73 4.99
N THR A 105 1.60 6.36 5.53
CA THR A 105 1.30 7.74 5.15
C THR A 105 2.21 8.80 5.72
N VAL A 106 2.70 9.70 4.86
CA VAL A 106 3.43 10.82 5.42
C VAL A 106 2.15 11.59 5.73
N PRO A 107 1.95 11.99 6.98
CA PRO A 107 0.75 12.70 7.42
C PRO A 107 0.40 14.06 6.82
N TRP A 108 -0.91 14.33 6.73
CA TRP A 108 -1.41 15.63 6.28
C TRP A 108 -2.19 16.24 7.45
N PRO A 109 -2.29 17.57 7.51
CA PRO A 109 -2.99 18.32 8.56
C PRO A 109 -4.39 17.91 9.00
N VAL A 110 -4.61 16.63 9.27
CA VAL A 110 -5.94 16.25 9.72
C VAL A 110 -6.01 16.82 11.13
N LYS A 111 -7.04 17.63 11.38
CA LYS A 111 -7.22 18.25 12.68
C LYS A 111 -7.18 17.23 13.82
N ALA A 120 9.62 23.11 5.84
CA ALA A 120 8.19 23.33 6.02
C ALA A 120 7.52 23.16 4.67
N GLU A 121 8.33 22.92 3.65
CA GLU A 121 7.83 22.71 2.30
C GLU A 121 7.07 21.38 2.21
N ILE A 122 7.77 20.29 2.56
CA ILE A 122 7.15 18.98 2.54
C ILE A 122 5.85 19.01 3.31
N ALA A 123 5.85 19.74 4.42
CA ALA A 123 4.67 19.86 5.26
C ALA A 123 3.62 20.73 4.58
N ALA A 124 4.09 21.66 3.76
CA ALA A 124 3.19 22.56 3.04
C ALA A 124 2.43 21.80 1.94
N ALA A 125 3.15 20.95 1.21
CA ALA A 125 2.54 20.17 0.14
C ALA A 125 1.43 19.26 0.67
N CYS A 126 1.69 18.56 1.76
CA CYS A 126 0.70 17.66 2.36
C CYS A 126 -0.56 18.43 2.75
N GLU A 127 -0.40 19.74 2.91
CA GLU A 127 -1.51 20.61 3.28
C GLU A 127 -2.28 20.86 2.00
N THR A 128 -1.54 21.04 0.92
CA THR A 128 -2.12 21.27 -0.40
C THR A 128 -2.94 20.03 -0.82
N PHE A 129 -2.31 18.86 -0.79
CA PHE A 129 -3.02 17.65 -1.18
C PHE A 129 -4.16 17.33 -0.23
N LEU A 130 -4.21 18.03 0.90
CA LEU A 130 -5.31 17.83 1.85
C LEU A 130 -6.53 18.60 1.35
N LYS A 131 -6.30 19.80 0.83
CA LYS A 131 -7.42 20.59 0.33
C LYS A 131 -7.85 20.06 -1.03
N LEU A 132 -6.90 19.53 -1.79
CA LEU A 132 -7.24 18.94 -3.08
C LEU A 132 -8.18 17.79 -2.73
N ASN A 133 -7.83 17.06 -1.67
CA ASN A 133 -8.64 15.93 -1.22
C ASN A 133 -10.07 16.38 -0.88
N ASP A 134 -10.20 17.42 -0.07
CA ASP A 134 -11.53 17.93 0.29
C ASP A 134 -12.32 18.29 -0.98
N TYR A 135 -11.62 18.93 -1.91
CA TYR A 135 -12.22 19.33 -3.18
C TYR A 135 -12.80 18.14 -3.91
N LEU A 136 -11.94 17.19 -4.26
CA LEU A 136 -12.36 15.98 -4.97
C LEU A 136 -13.48 15.29 -4.23
N GLN A 137 -13.42 15.31 -2.92
CA GLN A 137 -14.44 14.67 -2.11
C GLN A 137 -15.81 15.27 -2.44
N ILE A 138 -15.85 16.59 -2.49
CA ILE A 138 -17.06 17.33 -2.81
C ILE A 138 -17.54 16.98 -4.22
N GLU A 139 -16.62 17.05 -5.18
CA GLU A 139 -16.93 16.71 -6.57
C GLU A 139 -17.50 15.31 -6.65
N THR A 140 -17.03 14.40 -5.80
CA THR A 140 -17.48 13.03 -5.84
C THR A 140 -18.88 12.78 -5.27
N ILE A 141 -19.14 13.21 -4.04
CA ILE A 141 -20.47 12.99 -3.47
C ILE A 141 -21.52 13.58 -4.40
N GLN A 142 -21.24 14.78 -4.90
CA GLN A 142 -22.14 15.44 -5.84
C GLN A 142 -22.43 14.50 -7.00
N ALA A 143 -21.41 14.23 -7.79
CA ALA A 143 -21.53 13.35 -8.95
C ALA A 143 -22.17 12.02 -8.60
N LEU A 144 -22.02 11.57 -7.37
CA LEU A 144 -22.61 10.31 -6.93
C LEU A 144 -24.11 10.48 -6.69
N GLU A 145 -24.52 11.68 -6.29
CA GLU A 145 -25.94 11.93 -6.07
C GLU A 145 -26.60 12.04 -7.45
N GLU A 146 -25.98 12.82 -8.34
CA GLU A 146 -26.48 13.00 -9.70
C GLU A 146 -26.57 11.66 -10.42
N LEU A 147 -25.81 10.68 -9.96
CA LEU A 147 -25.79 9.36 -10.57
C LEU A 147 -27.01 8.54 -10.17
N ALA A 148 -27.33 8.52 -8.88
CA ALA A 148 -28.48 7.75 -8.40
C ALA A 148 -29.74 8.03 -9.23
N ALA A 149 -29.83 9.22 -9.83
CA ALA A 149 -30.97 9.59 -10.65
C ALA A 149 -30.95 8.86 -11.99
N ASP A 179 -27.83 4.28 1.66
CA ASP A 179 -28.48 5.56 1.87
C ASP A 179 -27.56 6.71 1.46
N GLU A 180 -27.80 7.90 1.98
CA GLU A 180 -26.97 9.05 1.67
C GLU A 180 -25.70 9.01 2.54
N VAL A 181 -25.63 8.00 3.39
CA VAL A 181 -24.48 7.78 4.25
C VAL A 181 -23.50 6.94 3.45
N ASP A 182 -24.05 6.04 2.64
CA ASP A 182 -23.24 5.19 1.78
C ASP A 182 -22.44 6.08 0.84
N ILE A 183 -23.10 7.12 0.32
CA ILE A 183 -22.45 8.06 -0.57
C ILE A 183 -21.32 8.76 0.18
N LYS A 184 -21.64 9.24 1.38
CA LYS A 184 -20.66 9.92 2.20
C LYS A 184 -19.44 9.05 2.48
N SER A 185 -19.69 7.81 2.90
CA SER A 185 -18.59 6.90 3.24
C SER A 185 -17.78 6.51 2.01
N ARG A 186 -18.46 6.24 0.91
CA ARG A 186 -17.77 5.83 -0.31
C ARG A 186 -16.96 6.92 -1.00
N ALA A 187 -17.10 8.17 -0.55
CA ALA A 187 -16.33 9.26 -1.14
C ALA A 187 -15.39 9.89 -0.10
N ALA A 188 -15.32 9.26 1.07
CA ALA A 188 -14.48 9.77 2.17
C ALA A 188 -13.03 9.32 2.03
N TYR A 189 -12.30 9.97 1.15
CA TYR A 189 -10.90 9.64 0.90
C TYR A 189 -10.03 9.84 2.13
N ASN A 190 -9.29 8.80 2.52
CA ASN A 190 -8.41 8.89 3.68
C ASN A 190 -6.94 8.92 3.29
N VAL A 191 -6.66 8.67 2.01
CA VAL A 191 -5.29 8.69 1.52
C VAL A 191 -5.24 9.04 0.04
N THR A 192 -4.04 9.38 -0.42
CA THR A 192 -3.81 9.65 -1.82
C THR A 192 -2.43 9.16 -2.15
N LEU A 193 -2.33 8.42 -3.24
CA LEU A 193 -1.07 7.88 -3.70
C LEU A 193 -0.63 8.73 -4.88
N LEU A 194 0.55 9.34 -4.76
CA LEU A 194 1.08 10.18 -5.82
C LEU A 194 2.04 9.36 -6.68
N ASN A 195 2.04 9.59 -7.99
CA ASN A 195 2.92 8.84 -8.91
C ASN A 195 3.68 9.76 -9.84
N PHE A 196 4.78 9.27 -10.42
CA PHE A 196 5.59 10.04 -11.37
C PHE A 196 6.39 9.14 -12.31
N MET A 197 6.61 9.60 -13.54
CA MET A 197 7.40 8.83 -14.50
C MET A 197 7.94 9.61 -15.70
N ASP A 198 8.91 8.98 -16.39
CA ASP A 198 9.60 9.51 -17.58
C ASP A 198 10.65 10.53 -17.18
N PRO A 199 11.28 11.23 -18.16
CA PRO A 199 11.17 11.22 -19.62
C PRO A 199 11.66 9.96 -20.34
N GLN A 200 10.76 9.00 -20.51
CA GLN A 200 11.06 7.76 -21.21
C GLN A 200 12.34 7.08 -20.71
N LYS A 201 12.72 7.39 -19.47
CA LYS A 201 13.93 6.82 -18.89
C LYS A 201 13.91 5.31 -19.07
N MET A 202 12.76 4.79 -19.51
CA MET A 202 12.59 3.36 -19.77
C MET A 202 13.21 3.04 -21.12
N PRO A 203 14.17 2.10 -21.15
CA PRO A 203 14.87 1.66 -22.37
C PRO A 203 13.96 1.09 -23.45
N TYR A 204 12.86 0.50 -23.02
CA TYR A 204 11.86 -0.09 -23.90
C TYR A 204 10.63 -0.29 -23.04
N LEU A 205 9.51 0.32 -23.42
CA LEU A 205 8.30 0.15 -22.61
C LEU A 205 7.40 -0.92 -23.23
N LYS A 206 6.64 -1.57 -22.38
CA LYS A 206 5.75 -2.63 -22.83
C LYS A 206 4.58 -2.01 -23.59
N GLU A 207 4.15 -2.69 -24.65
CA GLU A 207 3.03 -2.20 -25.43
C GLU A 207 1.70 -2.81 -24.99
N GLU A 208 0.65 -1.99 -24.94
CA GLU A 208 -0.67 -2.47 -24.55
C GLU A 208 -0.97 -3.61 -25.53
N PRO A 209 -1.21 -4.82 -25.01
CA PRO A 209 -1.49 -6.03 -25.78
C PRO A 209 -2.87 -6.37 -26.27
N TYR A 210 -3.86 -5.48 -26.10
CA TYR A 210 -5.19 -5.87 -26.55
C TYR A 210 -5.87 -4.92 -27.51
N PHE A 211 -5.59 -3.64 -27.40
CA PHE A 211 -6.27 -2.69 -28.26
C PHE A 211 -5.33 -1.72 -28.98
N GLY A 212 -4.06 -2.07 -29.06
CA GLY A 212 -3.09 -1.22 -29.72
C GLY A 212 -3.10 0.21 -29.23
N MET A 213 -3.12 0.37 -27.91
CA MET A 213 -3.12 1.69 -27.30
C MET A 213 -1.70 2.21 -27.12
N GLY A 214 -0.75 1.50 -27.72
CA GLY A 214 0.64 1.92 -27.63
C GLY A 214 1.30 1.63 -26.31
N LYS A 215 2.36 2.38 -26.03
CA LYS A 215 3.12 2.22 -24.80
C LYS A 215 2.28 2.55 -23.59
N MET A 216 2.60 1.95 -22.44
CA MET A 216 1.85 2.23 -21.21
C MET A 216 2.77 2.28 -20.00
N ALA A 217 2.53 3.25 -19.11
CA ALA A 217 3.34 3.42 -17.92
C ALA A 217 2.87 2.59 -16.74
N VAL A 218 1.67 2.03 -16.84
CA VAL A 218 1.06 1.19 -15.80
C VAL A 218 0.03 0.25 -16.46
N SER A 219 0.34 -1.03 -16.53
CA SER A 219 -0.56 -2.01 -17.16
C SER A 219 -1.93 -2.23 -16.53
N TRP A 220 -2.81 -2.89 -17.27
CA TRP A 220 -4.17 -3.19 -16.84
C TRP A 220 -4.25 -3.77 -15.43
N HIS A 221 -5.00 -3.11 -14.55
CA HIS A 221 -5.19 -3.57 -13.18
C HIS A 221 -6.45 -2.98 -12.55
N HIS A 222 -6.69 -3.29 -11.27
CA HIS A 222 -7.80 -2.77 -10.48
C HIS A 222 -7.15 -2.11 -9.27
N ASP A 223 -7.73 -1.03 -8.74
CA ASP A 223 -7.16 -0.45 -7.53
C ASP A 223 -7.71 -1.33 -6.44
N GLU A 224 -6.84 -2.01 -5.70
CA GLU A 224 -7.29 -2.91 -4.66
C GLU A 224 -7.18 -2.38 -3.24
N ASN A 225 -7.67 -3.17 -2.30
CA ASN A 225 -7.63 -2.84 -0.88
C ASN A 225 -8.38 -1.55 -0.59
N LEU A 226 -9.51 -1.43 -1.25
CA LEU A 226 -10.39 -0.28 -1.12
C LEU A 226 -11.71 -0.71 -0.51
N VAL A 227 -12.36 0.21 0.18
CA VAL A 227 -13.67 -0.09 0.75
C VAL A 227 -14.58 -0.48 -0.43
N ASP A 228 -15.43 -1.47 -0.21
CA ASP A 228 -16.34 -1.94 -1.24
C ASP A 228 -17.10 -0.78 -1.89
N ARG A 229 -17.19 -0.81 -3.22
CA ARG A 229 -17.92 0.21 -3.97
C ARG A 229 -17.41 1.63 -3.74
N SER A 230 -16.20 1.75 -3.21
CA SER A 230 -15.66 3.08 -2.95
C SER A 230 -15.21 3.72 -4.24
N ALA A 231 -15.32 5.05 -4.30
CA ALA A 231 -14.95 5.81 -5.48
C ALA A 231 -13.47 6.16 -5.45
N VAL A 232 -12.93 6.60 -6.59
CA VAL A 232 -11.52 6.98 -6.70
C VAL A 232 -11.42 8.25 -7.55
N ALA A 233 -10.62 9.21 -7.08
CA ALA A 233 -10.44 10.47 -7.79
C ALA A 233 -9.00 10.65 -8.21
N VAL A 234 -8.79 11.09 -9.44
CA VAL A 234 -7.44 11.30 -9.93
C VAL A 234 -7.21 12.68 -10.52
N TYR A 235 -6.17 13.35 -10.07
CA TYR A 235 -5.84 14.64 -10.63
C TYR A 235 -4.63 14.34 -11.47
N SER A 236 -4.71 14.57 -12.77
CA SER A 236 -3.59 14.28 -13.64
C SER A 236 -2.79 15.55 -13.94
N TYR A 237 -1.48 15.46 -13.81
CA TYR A 237 -0.61 16.59 -14.07
C TYR A 237 0.47 16.24 -15.08
N SER A 238 0.14 16.40 -16.35
CA SER A 238 1.07 16.12 -17.43
C SER A 238 1.86 17.41 -17.62
N CYS A 239 3.13 17.39 -17.27
CA CYS A 239 3.97 18.56 -17.41
C CYS A 239 4.71 18.48 -18.75
N GLU A 240 4.25 19.25 -19.72
CA GLU A 240 4.87 19.26 -21.05
C GLU A 240 5.90 20.38 -21.18
N GLY A 254 -5.88 6.66 -34.17
CA GLY A 254 -5.62 6.11 -32.84
C GLY A 254 -5.18 7.20 -31.89
N ARG A 255 -4.91 6.83 -30.63
CA ARG A 255 -4.48 7.80 -29.64
C ARG A 255 -3.15 8.45 -30.04
N ASP A 256 -3.00 9.72 -29.67
CA ASP A 256 -1.80 10.47 -29.94
C ASP A 256 -0.69 9.98 -29.00
N PRO A 257 0.32 9.29 -29.57
CA PRO A 257 1.46 8.74 -28.83
C PRO A 257 2.08 9.66 -27.79
N ASP A 258 2.16 10.95 -28.12
CA ASP A 258 2.77 11.91 -27.22
C ASP A 258 1.94 12.46 -26.07
N ILE A 259 0.72 11.97 -25.93
CA ILE A 259 -0.13 12.45 -24.85
C ILE A 259 -0.52 11.31 -23.93
N TRP A 260 -0.64 11.63 -22.64
CA TRP A 260 -1.02 10.63 -21.67
C TRP A 260 -2.52 10.38 -21.76
N HIS A 261 -2.88 9.13 -21.52
CA HIS A 261 -4.26 8.67 -21.56
C HIS A 261 -4.47 7.67 -20.46
N VAL A 262 -5.72 7.45 -20.11
CA VAL A 262 -6.05 6.44 -19.13
C VAL A 262 -6.84 5.44 -19.98
N GLY A 263 -6.49 4.16 -19.88
CA GLY A 263 -7.19 3.13 -20.65
C GLY A 263 -8.27 2.48 -19.82
N PHE A 264 -9.30 1.93 -20.47
CA PHE A 264 -10.38 1.25 -19.75
C PHE A 264 -10.84 0.05 -20.52
N LYS A 265 -11.30 -0.96 -19.81
CA LYS A 265 -11.80 -2.16 -20.44
C LYS A 265 -12.64 -2.89 -19.42
N ILE A 266 -13.50 -3.76 -19.91
CA ILE A 266 -14.36 -4.55 -19.06
C ILE A 266 -13.50 -5.75 -18.69
N SER A 267 -13.52 -6.11 -17.42
CA SER A 267 -12.78 -7.24 -16.94
C SER A 267 -13.21 -8.45 -17.79
N TRP A 268 -12.29 -9.37 -18.03
CA TRP A 268 -12.55 -10.57 -18.82
C TRP A 268 -12.83 -10.31 -20.29
N ASP A 269 -13.28 -9.09 -20.61
CA ASP A 269 -13.65 -8.73 -21.98
C ASP A 269 -12.48 -8.15 -22.76
N ILE A 270 -12.11 -8.87 -23.81
CA ILE A 270 -11.00 -8.51 -24.65
C ILE A 270 -11.44 -8.12 -26.06
N GLU A 271 -12.71 -8.33 -26.37
CA GLU A 271 -13.19 -8.00 -27.71
C GLU A 271 -14.10 -6.79 -27.84
N THR A 272 -14.32 -6.08 -26.74
CA THR A 272 -15.10 -4.85 -26.80
C THR A 272 -14.00 -3.80 -26.80
N PRO A 273 -13.87 -3.04 -27.88
CA PRO A 273 -12.81 -2.02 -27.93
C PRO A 273 -12.76 -1.17 -26.66
N GLY A 274 -11.57 -1.09 -26.08
CA GLY A 274 -11.38 -0.32 -24.86
C GLY A 274 -11.27 1.17 -25.13
N LEU A 275 -11.51 1.95 -24.09
CA LEU A 275 -11.47 3.40 -24.20
C LEU A 275 -10.14 3.97 -23.72
N ALA A 276 -9.58 4.85 -24.54
CA ALA A 276 -8.33 5.51 -24.22
C ALA A 276 -8.73 6.97 -24.13
N ILE A 277 -8.89 7.47 -22.92
CA ILE A 277 -9.28 8.86 -22.76
C ILE A 277 -8.07 9.77 -22.51
N PRO A 278 -7.91 10.78 -23.38
CA PRO A 278 -6.83 11.78 -23.33
C PRO A 278 -6.77 12.53 -22.02
N LEU A 279 -5.56 12.68 -21.49
CA LEU A 279 -5.36 13.38 -20.24
C LEU A 279 -4.42 14.55 -20.43
N HIS A 280 -4.97 15.75 -20.25
CA HIS A 280 -4.22 16.98 -20.39
C HIS A 280 -3.94 17.56 -19.02
N GLN A 281 -2.92 18.40 -18.97
CA GLN A 281 -2.49 19.05 -17.74
C GLN A 281 -3.66 19.66 -16.96
N GLY A 282 -4.01 19.05 -15.83
CA GLY A 282 -5.09 19.59 -15.02
C GLY A 282 -6.40 18.84 -15.05
N ASP A 283 -6.49 17.84 -15.92
CA ASP A 283 -7.71 17.06 -15.99
C ASP A 283 -7.82 16.09 -14.80
N CYS A 284 -9.07 15.83 -14.39
CA CYS A 284 -9.39 14.92 -13.28
C CYS A 284 -10.42 13.92 -13.73
N TYR A 285 -10.28 12.66 -13.34
CA TYR A 285 -11.29 11.68 -13.70
C TYR A 285 -11.72 10.89 -12.46
N PHE A 286 -12.96 10.44 -12.44
CA PHE A 286 -13.49 9.72 -11.29
C PHE A 286 -14.00 8.35 -11.69
N MET A 287 -13.80 7.38 -10.82
CA MET A 287 -14.31 6.03 -11.02
C MET A 287 -15.28 5.92 -9.86
N LEU A 288 -16.54 5.69 -10.18
CA LEU A 288 -17.56 5.64 -9.15
C LEU A 288 -18.21 4.30 -9.01
N ASP A 289 -18.69 4.05 -7.79
CA ASP A 289 -19.43 2.84 -7.49
C ASP A 289 -18.63 1.58 -7.77
N ASP A 290 -19.25 0.62 -8.43
CA ASP A 290 -18.57 -0.63 -8.72
C ASP A 290 -17.74 -0.64 -10.02
N LEU A 291 -17.50 0.55 -10.60
CA LEU A 291 -16.70 0.63 -11.84
C LEU A 291 -15.30 0.02 -11.70
N ASN A 292 -14.59 0.37 -10.63
CA ASN A 292 -13.23 -0.12 -10.37
C ASN A 292 -13.20 -1.65 -10.26
N ALA A 293 -14.34 -2.25 -9.91
CA ALA A 293 -14.38 -3.69 -9.78
C ALA A 293 -14.79 -4.39 -11.08
N THR A 294 -15.63 -3.73 -11.86
CA THR A 294 -16.08 -4.32 -13.11
C THR A 294 -15.13 -4.05 -14.25
N HIS A 295 -14.40 -2.95 -14.17
CA HIS A 295 -13.47 -2.62 -15.23
C HIS A 295 -12.02 -2.55 -14.77
N GLN A 296 -11.10 -2.69 -15.73
CA GLN A 296 -9.67 -2.59 -15.47
C GLN A 296 -9.23 -1.29 -16.12
N HIS A 297 -8.15 -0.71 -15.66
CA HIS A 297 -7.68 0.50 -16.32
C HIS A 297 -6.16 0.48 -16.34
N CYS A 298 -5.59 1.27 -17.22
CA CYS A 298 -4.15 1.37 -17.31
C CYS A 298 -3.81 2.83 -17.59
N VAL A 299 -2.52 3.11 -17.74
CA VAL A 299 -2.08 4.46 -18.03
C VAL A 299 -1.10 4.39 -19.19
N LEU A 300 -1.58 4.72 -20.39
CA LEU A 300 -0.74 4.72 -21.58
C LEU A 300 0.25 5.89 -21.43
N ALA A 301 1.51 5.66 -21.77
CA ALA A 301 2.50 6.71 -21.60
C ALA A 301 2.58 7.76 -22.72
N GLY A 302 2.99 8.97 -22.34
CA GLY A 302 3.16 10.05 -23.29
C GLY A 302 4.63 10.24 -23.62
N SER A 303 5.03 11.45 -23.99
CA SER A 303 6.41 11.71 -24.34
C SER A 303 7.07 12.52 -23.23
N GLN A 304 6.25 13.23 -22.48
CA GLN A 304 6.73 14.05 -21.38
C GLN A 304 6.50 13.31 -20.07
N PRO A 305 7.03 13.85 -18.97
CA PRO A 305 6.84 13.20 -17.66
C PRO A 305 5.49 13.63 -17.10
N ARG A 306 4.92 12.86 -16.17
CA ARG A 306 3.63 13.23 -15.58
C ARG A 306 3.53 12.85 -14.11
N PHE A 307 2.76 13.64 -13.38
CA PHE A 307 2.48 13.43 -11.96
C PHE A 307 1.00 13.09 -11.88
N SER A 308 0.53 12.71 -10.69
CA SER A 308 -0.88 12.38 -10.51
C SER A 308 -1.14 11.98 -9.07
N SER A 309 -2.28 12.37 -8.53
CA SER A 309 -2.61 11.98 -7.17
C SER A 309 -3.94 11.23 -7.17
N THR A 310 -3.87 9.96 -6.83
CA THR A 310 -5.01 9.10 -6.80
C THR A 310 -5.56 8.98 -5.39
N HIS A 311 -6.62 9.74 -5.12
CA HIS A 311 -7.25 9.76 -3.82
C HIS A 311 -8.18 8.56 -3.73
N ARG A 312 -8.06 7.82 -2.64
CA ARG A 312 -8.85 6.61 -2.43
C ARG A 312 -9.38 6.51 -1.00
N VAL A 313 -10.29 5.56 -0.78
CA VAL A 313 -10.83 5.30 0.53
C VAL A 313 -10.30 3.91 0.90
N ALA A 314 -9.09 3.85 1.45
CA ALA A 314 -8.45 2.59 1.79
C ALA A 314 -9.17 1.81 2.88
N GLU A 315 -9.34 0.50 2.68
CA GLU A 315 -9.98 -0.34 3.68
C GLU A 315 -8.87 -0.48 4.70
N CYS A 316 -9.01 0.20 5.84
CA CYS A 316 -7.97 0.19 6.85
C CYS A 316 -8.32 -0.50 8.16
N SER A 317 -9.20 -1.48 8.12
CA SER A 317 -9.51 -2.24 9.32
C SER A 317 -8.18 -2.97 9.38
N THR A 318 -7.69 -3.36 10.54
CA THR A 318 -6.38 -4.03 10.54
C THR A 318 -5.26 -3.25 9.83
N GLY A 319 -5.46 -1.97 9.56
CA GLY A 319 -4.42 -1.22 8.85
C GLY A 319 -3.94 0.11 9.42
N THR A 320 -4.29 0.42 10.66
CA THR A 320 -3.81 1.68 11.26
C THR A 320 -2.94 1.39 12.48
N LEU A 321 -2.18 2.39 12.88
CA LEU A 321 -1.33 2.27 14.05
C LEU A 321 -2.17 1.96 15.29
N ASP A 322 -3.36 2.54 15.39
CA ASP A 322 -4.22 2.29 16.54
C ASP A 322 -4.64 0.84 16.60
N TYR A 323 -5.00 0.30 15.45
CA TYR A 323 -5.40 -1.10 15.39
C TYR A 323 -4.26 -2.04 15.81
N ILE A 324 -3.08 -1.85 15.25
CA ILE A 324 -1.99 -2.75 15.61
C ILE A 324 -1.52 -2.53 17.06
N LEU A 325 -1.56 -1.30 17.54
CA LEU A 325 -1.19 -1.05 18.94
C LEU A 325 -2.17 -1.82 19.82
N GLN A 326 -3.47 -1.64 19.61
CA GLN A 326 -4.47 -2.37 20.41
C GLN A 326 -4.21 -3.87 20.37
N ARG A 327 -3.91 -4.41 19.19
CA ARG A 327 -3.63 -5.84 19.03
C ARG A 327 -2.51 -6.27 19.99
N CYS A 328 -1.51 -5.42 20.11
CA CYS A 328 -0.39 -5.71 20.99
C CYS A 328 -0.86 -5.73 22.43
N GLN A 329 -1.53 -4.67 22.86
CA GLN A 329 -2.01 -4.61 24.25
C GLN A 329 -2.83 -5.84 24.56
N LEU A 330 -3.45 -6.41 23.54
CA LEU A 330 -4.30 -7.58 23.70
C LEU A 330 -3.46 -8.82 24.01
N ALA A 331 -2.33 -8.97 23.30
CA ALA A 331 -1.47 -10.13 23.54
C ALA A 331 -0.74 -10.02 24.88
N LEU A 332 -0.25 -8.84 25.19
CA LEU A 332 0.48 -8.62 26.43
C LEU A 332 -0.40 -8.69 27.67
N GLN A 333 -1.71 -8.87 27.47
CA GLN A 333 -2.61 -9.00 28.59
C GLN A 333 -2.34 -10.35 29.28
N ASN A 334 -1.56 -11.21 28.63
CA ASN A 334 -1.29 -12.52 29.19
C ASN A 334 0.08 -12.59 29.89
N VAL A 335 0.69 -11.43 30.11
CA VAL A 335 1.97 -11.36 30.79
C VAL A 335 1.94 -10.42 31.99
N CYS A 336 2.49 -10.89 33.11
CA CYS A 336 2.55 -10.08 34.33
C CYS A 336 3.31 -8.83 33.96
N ASP A 337 2.66 -7.68 34.16
CA ASP A 337 3.22 -6.40 33.77
C ASP A 337 3.69 -5.47 34.88
N ASP A 338 4.06 -6.02 36.04
CA ASP A 338 4.55 -5.16 37.11
C ASP A 338 5.81 -4.44 36.65
N VAL A 339 6.74 -5.19 36.05
CA VAL A 339 8.01 -4.60 35.62
C VAL A 339 8.46 -5.05 34.22
N ASP A 340 9.30 -4.23 33.58
CA ASP A 340 9.79 -4.53 32.26
C ASP A 340 11.21 -5.11 32.23
N ASN A 341 11.33 -6.39 32.54
CA ASN A 341 12.63 -7.06 32.52
C ASN A 341 12.51 -8.32 31.67
N ASP A 342 13.38 -9.30 31.89
CA ASP A 342 13.30 -10.51 31.09
C ASP A 342 12.76 -11.74 31.80
N ASP A 343 12.12 -11.53 32.95
CA ASP A 343 11.51 -12.63 33.68
C ASP A 343 10.03 -12.65 33.33
N VAL A 344 9.76 -12.73 32.02
CA VAL A 344 8.41 -12.74 31.50
C VAL A 344 7.63 -13.96 31.96
N SER A 345 6.52 -13.72 32.65
CA SER A 345 5.68 -14.80 33.15
C SER A 345 4.26 -14.66 32.61
N LEU A 346 3.70 -15.78 32.17
CA LEU A 346 2.37 -15.81 31.58
C LEU A 346 1.25 -16.15 32.55
N LYS A 347 0.14 -15.44 32.43
CA LYS A 347 -0.99 -15.67 33.30
C LYS A 347 -1.68 -16.99 33.00
N SER A 348 -1.49 -17.52 31.80
CA SER A 348 -2.07 -18.82 31.45
C SER A 348 -1.45 -19.42 30.20
N PHE A 349 -1.57 -20.73 30.05
CA PHE A 349 -1.04 -21.45 28.91
C PHE A 349 -2.15 -22.17 28.17
N GLU A 350 -3.32 -21.55 28.16
CA GLU A 350 -4.49 -22.08 27.47
C GLU A 350 -4.18 -22.04 25.99
N PRO A 351 -4.07 -23.20 25.35
CA PRO A 351 -3.76 -23.30 23.91
C PRO A 351 -4.39 -22.20 23.03
N ALA A 352 -5.59 -21.75 23.40
CA ALA A 352 -6.27 -20.71 22.64
C ALA A 352 -5.63 -19.35 22.81
N VAL A 353 -5.35 -18.95 24.04
CA VAL A 353 -4.73 -17.65 24.28
C VAL A 353 -3.31 -17.61 23.72
N LEU A 354 -2.61 -18.72 23.73
CA LEU A 354 -1.26 -18.75 23.18
C LEU A 354 -1.32 -18.60 21.67
N LYS A 355 -2.35 -19.20 21.07
CA LYS A 355 -2.57 -19.10 19.63
C LYS A 355 -2.61 -17.62 19.27
N GLN A 356 -3.58 -16.93 19.83
CA GLN A 356 -3.76 -15.50 19.60
C GLN A 356 -2.50 -14.71 19.91
N GLY A 357 -1.74 -15.17 20.89
CA GLY A 357 -0.52 -14.48 21.26
C GLY A 357 0.54 -14.57 20.18
N GLU A 358 0.73 -15.78 19.66
CA GLU A 358 1.74 -15.98 18.65
C GLU A 358 1.30 -15.41 17.30
N GLU A 359 -0.01 -15.37 17.06
CA GLU A 359 -0.53 -14.80 15.82
C GLU A 359 -0.26 -13.28 15.78
N ILE A 360 -0.57 -12.58 16.87
CA ILE A 360 -0.34 -11.15 16.96
C ILE A 360 1.17 -10.86 16.83
N HIS A 361 1.98 -11.76 17.37
CA HIS A 361 3.44 -11.64 17.31
C HIS A 361 3.85 -11.59 15.85
N ASN A 362 3.32 -12.53 15.07
CA ASN A 362 3.61 -12.58 13.64
C ASN A 362 3.08 -11.33 12.93
N GLU A 363 1.85 -10.92 13.26
CA GLU A 363 1.27 -9.76 12.63
C GLU A 363 2.08 -8.48 12.82
N VAL A 364 2.46 -8.17 14.06
CA VAL A 364 3.23 -6.96 14.25
C VAL A 364 4.62 -7.12 13.62
N GLU A 365 5.16 -8.33 13.63
CA GLU A 365 6.49 -8.51 13.03
C GLU A 365 6.62 -8.34 11.52
N PHE A 366 5.82 -9.10 10.75
CA PHE A 366 5.92 -9.08 9.28
C PHE A 366 5.00 -8.13 8.53
N GLU A 367 3.90 -7.75 9.14
CA GLU A 367 2.96 -6.87 8.49
C GLU A 367 3.30 -5.42 8.82
N TRP A 368 4.10 -5.20 9.85
CA TRP A 368 4.46 -3.85 10.24
C TRP A 368 5.96 -3.55 10.34
N LEU A 369 6.66 -4.25 11.22
CA LEU A 369 8.09 -3.99 11.36
C LEU A 369 8.93 -4.27 10.11
N ARG A 370 8.93 -5.51 9.62
CA ARG A 370 9.75 -5.83 8.46
C ARG A 370 9.29 -5.08 7.21
N GLN A 371 8.01 -4.74 7.19
CA GLN A 371 7.43 -4.04 6.06
C GLN A 371 7.95 -2.59 6.10
N PHE A 372 8.01 -2.01 7.30
CA PHE A 372 8.46 -0.64 7.44
C PHE A 372 9.94 -0.46 7.14
N TRP A 373 10.76 -1.35 7.68
CA TRP A 373 12.19 -1.26 7.49
C TRP A 373 12.69 -1.69 6.12
N PHE A 374 11.88 -2.44 5.40
CA PHE A 374 12.26 -2.87 4.07
C PHE A 374 12.37 -1.65 3.17
N GLN A 375 11.51 -0.67 3.42
CA GLN A 375 11.55 0.56 2.63
C GLN A 375 12.76 1.37 3.09
N GLY A 376 13.51 0.80 4.02
CA GLY A 376 14.69 1.44 4.56
C GLY A 376 14.46 2.91 4.89
N ASN A 377 15.53 3.68 4.94
CA ASN A 377 15.42 5.10 5.22
C ASN A 377 14.67 5.75 4.07
N ARG A 378 13.35 5.90 4.21
CA ARG A 378 12.56 6.51 3.15
C ARG A 378 11.68 7.65 3.64
N TYR A 379 10.54 7.32 4.22
CA TYR A 379 9.62 8.34 4.71
C TYR A 379 10.34 9.25 5.68
N ARG A 380 11.48 8.79 6.19
CA ARG A 380 12.25 9.59 7.12
C ARG A 380 12.82 10.82 6.41
N LYS A 381 12.93 10.75 5.09
CA LYS A 381 13.44 11.87 4.31
C LYS A 381 12.34 12.92 4.15
N CYS A 382 11.12 12.57 4.55
CA CYS A 382 9.99 13.50 4.45
C CYS A 382 9.18 13.61 5.73
N THR A 383 9.37 12.67 6.66
CA THR A 383 8.67 12.70 7.95
C THR A 383 9.32 11.81 9.00
N ASP A 384 9.14 12.21 10.26
CA ASP A 384 9.67 11.50 11.41
C ASP A 384 8.48 10.89 12.13
N TRP A 385 7.28 11.24 11.67
CA TRP A 385 6.04 10.78 12.29
C TRP A 385 6.05 9.32 12.77
N TRP A 386 6.59 8.41 11.97
CA TRP A 386 6.61 6.98 12.31
C TRP A 386 7.77 6.48 13.14
N CYS A 387 8.77 7.32 13.37
CA CYS A 387 9.94 6.87 14.14
C CYS A 387 9.62 6.33 15.53
N GLN A 388 8.90 7.11 16.34
CA GLN A 388 8.58 6.67 17.68
C GLN A 388 7.52 5.59 17.69
N PRO A 389 6.50 5.71 16.83
CA PRO A 389 5.53 4.60 16.91
C PRO A 389 6.18 3.29 16.46
N MET A 390 7.08 3.38 15.50
CA MET A 390 7.74 2.19 14.99
C MET A 390 8.76 1.68 16.03
N ALA A 391 9.23 2.56 16.91
CA ALA A 391 10.18 2.16 17.95
C ALA A 391 9.39 1.47 19.06
N GLN A 392 8.15 1.89 19.25
CA GLN A 392 7.30 1.28 20.27
C GLN A 392 6.80 -0.09 19.86
N LEU A 393 6.52 -0.27 18.58
CA LEU A 393 6.06 -1.58 18.13
C LEU A 393 7.19 -2.58 18.24
N GLU A 394 8.43 -2.11 18.16
CA GLU A 394 9.57 -3.02 18.27
C GLU A 394 9.73 -3.43 19.73
N ALA A 395 9.58 -2.48 20.63
CA ALA A 395 9.67 -2.78 22.05
C ALA A 395 8.58 -3.81 22.35
N LEU A 396 7.37 -3.55 21.87
CA LEU A 396 6.24 -4.46 22.07
C LEU A 396 6.57 -5.86 21.54
N TRP A 397 7.10 -5.91 20.31
CA TRP A 397 7.48 -7.16 19.68
C TRP A 397 8.56 -7.88 20.51
N LYS A 398 9.58 -7.12 20.93
CA LYS A 398 10.67 -7.71 21.72
C LYS A 398 10.11 -8.40 22.95
N LYS A 399 9.13 -7.77 23.62
CA LYS A 399 8.52 -8.37 24.78
C LYS A 399 7.84 -9.66 24.36
N MET A 400 7.24 -9.66 23.17
CA MET A 400 6.57 -10.84 22.65
C MET A 400 7.60 -11.95 22.34
N GLU A 401 8.81 -11.57 21.95
CA GLU A 401 9.83 -12.59 21.70
C GLU A 401 10.03 -13.27 23.05
N GLY A 402 9.96 -12.45 24.11
CA GLY A 402 10.11 -12.95 25.46
C GLY A 402 8.99 -13.87 25.91
N VAL A 403 7.80 -13.72 25.35
CA VAL A 403 6.70 -14.60 25.74
C VAL A 403 6.86 -15.92 25.00
N THR A 404 7.41 -15.86 23.80
CA THR A 404 7.62 -17.06 23.02
C THR A 404 8.58 -17.95 23.81
N ASN A 405 9.69 -17.38 24.23
CA ASN A 405 10.68 -18.11 24.99
C ASN A 405 10.03 -18.72 26.23
N ALA A 406 9.13 -17.95 26.84
CA ALA A 406 8.41 -18.41 28.02
C ALA A 406 7.63 -19.65 27.70
N VAL A 407 6.76 -19.59 26.69
CA VAL A 407 5.96 -20.74 26.30
C VAL A 407 6.86 -21.92 25.98
N LEU A 408 7.99 -21.63 25.36
CA LEU A 408 8.96 -22.66 24.99
C LEU A 408 9.54 -23.34 26.22
N HIS A 409 9.69 -22.60 27.31
CA HIS A 409 10.24 -23.18 28.53
C HIS A 409 9.18 -24.05 29.22
N GLU A 410 7.92 -23.70 29.03
CA GLU A 410 6.82 -24.43 29.64
C GLU A 410 6.58 -25.77 28.96
N VAL A 411 6.41 -25.74 27.64
CA VAL A 411 6.15 -26.96 26.89
C VAL A 411 7.10 -28.10 27.25
N LYS A 412 8.39 -27.77 27.37
CA LYS A 412 9.37 -28.79 27.72
C LYS A 412 9.91 -28.53 29.08
N ARG A 413 9.06 -28.90 30.03
CA ARG A 413 9.43 -28.77 31.41
C ARG A 413 8.89 -29.86 32.37
N GLU A 414 9.79 -30.32 33.25
CA GLU A 414 9.50 -31.35 34.23
C GLU A 414 8.36 -32.30 33.91
N VAL A 418 3.07 -31.93 32.19
CA VAL A 418 2.34 -33.10 31.83
C VAL A 418 2.45 -33.51 30.41
N GLU A 419 1.51 -34.08 29.66
CA GLU A 419 1.89 -34.44 28.29
C GLU A 419 0.85 -34.31 27.38
N GLN A 420 -0.37 -34.53 27.70
CA GLN A 420 -1.37 -34.12 26.82
C GLN A 420 -1.38 -32.68 27.04
N ARG A 421 -0.90 -32.22 28.12
CA ARG A 421 -0.95 -30.77 28.22
C ARG A 421 -0.14 -30.15 27.08
N ASN A 422 0.00 -30.90 25.98
CA ASN A 422 0.72 -30.42 24.82
C ASN A 422 -0.24 -29.96 23.72
N GLU A 423 -1.35 -29.38 24.16
CA GLU A 423 -2.34 -28.82 23.25
C GLU A 423 -1.61 -27.52 22.91
N ILE A 424 -0.55 -27.28 23.68
CA ILE A 424 0.32 -26.13 23.58
C ILE A 424 1.36 -26.38 22.49
N LEU A 425 1.13 -27.41 21.70
CA LEU A 425 2.05 -27.75 20.63
C LEU A 425 1.30 -27.61 19.32
N THR A 426 0.05 -28.07 19.30
CA THR A 426 -0.78 -27.98 18.11
C THR A 426 -1.59 -26.70 18.17
N ALA A 427 -1.06 -25.71 18.88
CA ALA A 427 -1.72 -24.43 19.00
C ALA A 427 -0.76 -23.29 18.72
N ILE A 428 0.52 -23.62 18.58
CA ILE A 428 1.51 -22.59 18.31
C ILE A 428 2.46 -23.04 17.21
N LEU A 429 2.37 -24.31 16.84
CA LEU A 429 3.25 -24.86 15.82
C LEU A 429 3.06 -24.21 14.45
N ALA A 430 1.82 -23.93 14.09
CA ALA A 430 1.53 -23.31 12.81
C ALA A 430 2.11 -21.89 12.74
N SER A 431 1.96 -21.13 13.83
CA SER A 431 2.43 -19.76 13.90
C SER A 431 3.95 -19.64 13.97
N LEU A 432 4.60 -20.64 14.53
CA LEU A 432 6.06 -20.62 14.64
C LEU A 432 6.74 -20.99 13.32
N THR A 433 6.14 -21.93 12.59
CA THR A 433 6.72 -22.33 11.33
C THR A 433 6.55 -21.18 10.35
N ALA A 434 5.44 -20.46 10.48
CA ALA A 434 5.17 -19.32 9.62
C ALA A 434 6.21 -18.24 9.92
N ARG A 435 6.49 -18.04 11.20
CA ARG A 435 7.47 -17.03 11.58
C ARG A 435 8.81 -17.44 10.96
N GLN A 436 8.99 -18.76 10.77
CA GLN A 436 10.22 -19.31 10.19
C GLN A 436 10.33 -19.02 8.69
N ASN A 437 9.30 -19.38 7.95
CA ASN A 437 9.30 -19.16 6.51
C ASN A 437 9.38 -17.67 6.17
N LEU A 438 8.44 -16.89 6.70
CA LEU A 438 8.41 -15.46 6.45
C LEU A 438 9.72 -14.76 6.81
N ARG A 439 10.46 -15.30 7.78
CA ARG A 439 11.73 -14.67 8.16
C ARG A 439 12.80 -14.90 7.11
N ARG A 440 12.77 -16.08 6.49
CA ARG A 440 13.74 -16.39 5.45
C ARG A 440 13.39 -15.51 4.26
N GLU A 441 12.12 -15.57 3.88
CA GLU A 441 11.62 -14.79 2.77
C GLU A 441 12.07 -13.33 2.87
N TRP A 442 11.81 -12.68 4.00
CA TRP A 442 12.21 -11.29 4.15
C TRP A 442 13.74 -11.11 4.17
N HIS A 443 14.45 -11.99 4.87
CA HIS A 443 15.90 -11.87 4.93
C HIS A 443 16.48 -11.95 3.53
N ALA A 444 15.84 -12.76 2.69
CA ALA A 444 16.28 -12.93 1.31
C ALA A 444 16.04 -11.67 0.50
N ARG A 445 14.80 -11.20 0.47
CA ARG A 445 14.47 -10.00 -0.28
C ARG A 445 15.39 -8.85 0.12
N CYS A 446 16.03 -8.97 1.27
CA CYS A 446 16.92 -7.92 1.74
C CYS A 446 18.33 -8.03 1.17
N GLN A 447 18.99 -9.17 1.37
CA GLN A 447 20.33 -9.35 0.82
C GLN A 447 20.24 -10.07 -0.51
N SER A 448 19.42 -9.53 -1.41
CA SER A 448 19.25 -10.11 -2.74
C SER A 448 19.99 -9.28 -3.77
N ARG A 449 20.26 -9.90 -4.91
CA ARG A 449 20.99 -9.28 -6.00
C ARG A 449 20.39 -7.95 -6.46
N ILE A 450 19.07 -7.93 -6.74
CA ILE A 450 18.43 -6.71 -7.18
C ILE A 450 18.49 -5.62 -6.11
N ALA A 451 18.42 -6.02 -4.84
CA ALA A 451 18.45 -5.07 -3.72
C ALA A 451 19.78 -4.34 -3.52
N ARG A 452 20.78 -4.65 -4.32
CA ARG A 452 22.08 -3.98 -4.24
C ARG A 452 22.03 -2.76 -5.15
N THR A 453 21.29 -2.90 -6.25
CA THR A 453 21.11 -1.84 -7.23
C THR A 453 20.54 -0.57 -6.62
N PRO A 455 20.11 2.02 -4.53
CA PRO A 455 20.61 3.24 -3.89
C PRO A 455 21.09 2.95 -2.48
N ALA A 456 21.72 3.92 -1.83
CA ALA A 456 22.21 3.74 -0.48
C ALA A 456 21.12 3.98 0.55
N ASP A 457 20.42 5.10 0.41
CA ASP A 457 19.36 5.47 1.34
C ASP A 457 18.04 4.78 1.03
N GLN A 458 18.05 3.92 0.02
CA GLN A 458 16.84 3.21 -0.37
C GLN A 458 16.91 1.70 -0.10
N LYS A 459 18.12 1.16 -0.06
CA LYS A 459 18.31 -0.28 0.16
C LYS A 459 17.55 -0.79 1.37
N PRO A 460 16.81 -1.90 1.21
CA PRO A 460 16.03 -2.51 2.29
C PRO A 460 16.88 -2.99 3.47
N GLU A 461 16.31 -2.84 4.66
CA GLU A 461 16.96 -3.23 5.90
C GLU A 461 16.20 -4.44 6.45
N CYS A 462 16.91 -5.46 6.91
CA CYS A 462 16.27 -6.65 7.46
C CYS A 462 16.03 -6.61 8.96
N ARG A 463 15.52 -5.49 9.45
CA ARG A 463 15.24 -5.35 10.88
C ARG A 463 13.86 -5.92 11.20
N PRO A 464 13.70 -6.54 12.38
CA PRO A 464 14.69 -6.76 13.44
C PRO A 464 15.67 -7.90 13.13
N TYR A 465 16.96 -7.62 13.25
CA TYR A 465 17.97 -8.65 12.99
C TYR A 465 19.03 -8.66 14.08
N TRP A 466 19.50 -9.86 14.42
CA TRP A 466 20.52 -10.02 15.44
C TRP A 466 21.25 -11.35 15.26
N GLU A 467 22.56 -11.33 15.50
CA GLU A 467 23.37 -12.53 15.34
C GLU A 467 23.18 -13.52 16.48
N LYS A 468 23.27 -14.80 16.14
CA LYS A 468 23.10 -15.89 17.10
C LYS A 468 23.90 -15.67 18.38
N ASP A 469 24.98 -14.91 18.28
CA ASP A 469 25.83 -14.64 19.44
C ASP A 469 25.29 -13.49 20.28
N ASP A 470 24.12 -12.98 19.93
CA ASP A 470 23.54 -11.86 20.68
C ASP A 470 22.87 -12.33 21.98
N ALA A 471 23.20 -11.64 23.07
CA ALA A 471 22.69 -11.98 24.39
C ALA A 471 21.34 -11.38 24.74
N SER A 472 21.08 -10.16 24.28
CA SER A 472 19.82 -9.49 24.58
C SER A 472 18.54 -10.22 24.13
N MET A 473 18.64 -11.00 23.06
CA MET A 473 17.47 -11.72 22.54
C MET A 473 17.32 -13.09 23.18
N PRO A 474 16.09 -13.42 23.62
CA PRO A 474 15.75 -14.70 24.26
C PRO A 474 15.97 -15.90 23.33
N LEU A 475 15.50 -15.77 22.10
CA LEU A 475 15.62 -16.82 21.11
C LEU A 475 16.47 -16.33 19.94
N PRO A 476 16.84 -17.25 19.03
CA PRO A 476 17.65 -16.85 17.89
C PRO A 476 16.74 -16.40 16.75
N PHE A 477 17.34 -15.93 15.65
CA PHE A 477 16.60 -15.53 14.48
C PHE A 477 16.11 -16.85 13.87
N ASP A 478 15.95 -17.82 14.77
CA ASP A 478 15.50 -19.18 14.48
C ASP A 478 16.39 -19.98 13.53
N LEU A 479 15.90 -20.21 12.32
CA LEU A 479 16.58 -21.00 11.30
C LEU A 479 16.20 -22.45 11.60
N THR A 480 15.19 -22.58 12.46
CA THR A 480 14.62 -23.85 12.91
C THR A 480 15.30 -24.38 14.18
N ASP A 481 15.56 -25.69 14.23
CA ASP A 481 16.16 -26.32 15.40
C ASP A 481 15.14 -26.31 16.54
N ILE A 482 14.54 -25.15 16.77
CA ILE A 482 13.51 -25.00 17.79
C ILE A 482 12.24 -25.52 17.15
N VAL A 483 12.06 -25.17 15.88
CA VAL A 483 10.88 -25.59 15.13
C VAL A 483 10.93 -27.09 14.85
N SER A 484 12.09 -27.58 14.40
CA SER A 484 12.25 -29.00 14.12
C SER A 484 11.91 -29.81 15.37
N GLU A 485 12.57 -29.48 16.46
CA GLU A 485 12.39 -30.16 17.74
C GLU A 485 10.93 -30.22 18.18
N LEU A 486 10.13 -29.28 17.70
CA LEU A 486 8.72 -29.26 18.06
C LEU A 486 7.90 -30.30 17.30
N ARG A 487 8.47 -30.85 16.23
CA ARG A 487 7.77 -31.89 15.48
C ARG A 487 7.57 -33.00 16.48
N GLY A 488 8.56 -33.14 17.36
CA GLY A 488 8.56 -34.14 18.42
C GLY A 488 7.15 -34.31 18.96
N GLN A 489 6.53 -35.45 18.62
CA GLN A 489 5.18 -35.73 19.04
C GLN A 489 4.21 -34.94 18.15
#